data_4FNZ
#
_entry.id   4FNZ
#
_cell.length_a   51.496
_cell.length_b   58.059
_cell.length_c   105.046
_cell.angle_alpha   90.000
_cell.angle_beta   90.000
_cell.angle_gamma   90.000
#
_symmetry.space_group_name_H-M   'P 21 21 21'
#
loop_
_entity.id
_entity.type
_entity.pdbx_description
1 polymer 'ALK tyrosine kinase receptor'
2 non-polymer (3S)-N-[3-(trifluoromethoxy)benzyl]-1-{2-[(3,4,5-trimethoxyphenyl)amino]pyrimidin-4-yl}piperidine-3-carboxamide
3 water water
#
_entity_poly.entity_id   1
_entity_poly.type   'polypeptide(L)'
_entity_poly.pdbx_seq_one_letter_code
;RTSTIMTDYNPNYSFAGKTSSISDLKEVPRKNITLIRGLGHGAFGEVYEGQVSGMPNDPSPLQVAVKTLPEVCSEQDELD
FLMEALIISKFNHQNIVRCIGVSLQSLPRFILLELMAGGDLKSFLRETRPRPSQPSSLAMLDLLHVARDIACGCQYLEEN
HFIHRDIAARNCLLTCPGPGRVAKIGDFGMARDIYRASYYRKGGCAMLPVKWMPPEAFMEGIFTSKTDTWSFGVLLWEIF
SLGYMPYPSKSNQEVLEFVTSGGRMDPPKNCPGPVYRIMTQCWQHQPEDRPNFAIILERIEYCTQDPDVINTALPIEYGP
LVEEEEK
;
_entity_poly.pdbx_strand_id   A
#
loop_
_chem_comp.id
_chem_comp.type
_chem_comp.name
_chem_comp.formula
NZF non-polymer (3S)-N-[3-(trifluoromethoxy)benzyl]-1-{2-[(3,4,5-trimethoxyphenyl)amino]pyrimidin-4-yl}piperidine-3-carboxamide 'C27 H30 F3 N5 O5'
#
# COMPACT_ATOMS: atom_id res chain seq x y z
N ASN A 10 11.29 -26.19 -7.51
CA ASN A 10 10.77 -25.65 -6.21
C ASN A 10 11.81 -24.75 -5.54
N PRO A 11 11.49 -23.45 -5.40
CA PRO A 11 12.32 -22.54 -4.63
C PRO A 11 11.86 -22.42 -3.17
N ASN A 12 12.78 -22.06 -2.29
CA ASN A 12 12.47 -21.79 -0.89
C ASN A 12 12.43 -20.28 -0.60
N TYR A 13 11.77 -19.92 0.50
CA TYR A 13 11.64 -18.53 0.91
C TYR A 13 11.79 -18.40 2.42
N SER A 14 12.62 -17.42 2.83
CA SER A 14 12.96 -17.16 4.23
C SER A 14 12.41 -15.83 4.71
N PHE A 15 11.84 -15.82 5.92
CA PHE A 15 11.26 -14.59 6.47
C PHE A 15 11.05 -14.77 7.96
N ALA A 16 11.46 -13.75 8.73
CA ALA A 16 11.45 -13.85 10.18
C ALA A 16 12.25 -15.10 10.64
N GLY A 17 13.28 -15.45 9.87
CA GLY A 17 14.16 -16.57 10.22
C GLY A 17 13.70 -17.97 9.85
N LYS A 18 12.40 -18.13 9.61
CA LYS A 18 11.84 -19.41 9.20
C LYS A 18 11.89 -19.53 7.70
N THR A 19 12.12 -20.74 7.21
CA THR A 19 12.08 -21.02 5.79
C THR A 19 10.83 -21.81 5.48
N SER A 20 10.32 -21.66 4.26
CA SER A 20 9.13 -22.38 3.85
C SER A 20 9.14 -22.63 2.35
N SER A 21 8.36 -23.61 1.92
CA SER A 21 8.29 -23.97 0.50
C SER A 21 6.85 -24.09 0.08
N ILE A 22 6.68 -24.21 -1.24
CA ILE A 22 5.38 -24.40 -1.87
C ILE A 22 4.50 -25.29 -1.00
N SER A 23 5.08 -26.39 -0.51
CA SER A 23 4.34 -27.42 0.20
C SER A 23 3.85 -27.01 1.60
N ASP A 24 4.21 -25.82 2.06
CA ASP A 24 3.69 -25.29 3.33
C ASP A 24 2.45 -24.40 3.15
N LEU A 25 2.07 -24.15 1.90
CA LEU A 25 0.91 -23.32 1.59
C LEU A 25 -0.40 -24.09 1.83
N LYS A 26 -1.41 -23.42 2.39
CA LYS A 26 -2.72 -24.04 2.65
C LYS A 26 -3.51 -24.23 1.35
N GLU A 27 -3.35 -25.39 0.74
CA GLU A 27 -4.03 -25.71 -0.53
C GLU A 27 -5.49 -25.98 -0.25
N VAL A 28 -6.37 -25.12 -0.78
CA VAL A 28 -7.81 -25.29 -0.67
C VAL A 28 -8.33 -26.05 -1.89
N PRO A 29 -9.25 -27.01 -1.68
CA PRO A 29 -9.72 -27.80 -2.82
C PRO A 29 -10.51 -26.95 -3.82
N ARG A 30 -10.24 -27.15 -5.11
CA ARG A 30 -10.85 -26.31 -6.14
C ARG A 30 -12.38 -26.29 -6.02
N LYS A 31 -12.96 -27.42 -5.61
CA LYS A 31 -14.42 -27.58 -5.43
C LYS A 31 -15.03 -26.73 -4.32
N ASN A 32 -14.23 -26.25 -3.38
CA ASN A 32 -14.70 -25.36 -2.32
C ASN A 32 -14.65 -23.86 -2.69
N ILE A 33 -14.29 -23.53 -3.92
CA ILE A 33 -14.08 -22.15 -4.36
C ILE A 33 -15.01 -21.76 -5.49
N THR A 34 -15.70 -20.64 -5.36
CA THR A 34 -16.57 -20.15 -6.44
C THR A 34 -16.28 -18.68 -6.71
N LEU A 35 -16.17 -18.33 -7.98
CA LEU A 35 -16.02 -16.94 -8.39
C LEU A 35 -17.40 -16.32 -8.60
N ILE A 36 -17.58 -15.10 -8.08
CA ILE A 36 -18.83 -14.37 -8.17
C ILE A 36 -18.77 -13.31 -9.24
N ARG A 37 -17.71 -12.51 -9.28
CA ARG A 37 -17.57 -11.44 -10.28
C ARG A 37 -16.12 -10.98 -10.39
N GLY A 38 -15.81 -10.26 -11.47
CA GLY A 38 -14.50 -9.64 -11.63
C GLY A 38 -14.31 -8.46 -10.67
N LEU A 39 -13.08 -7.94 -10.63
CA LEU A 39 -12.70 -6.74 -9.84
C LEU A 39 -11.70 -5.83 -10.60
N GLY A 40 -10.59 -6.43 -11.04
CA GLY A 40 -9.51 -5.70 -11.72
C GLY A 40 -8.70 -6.58 -12.66
N HIS A 41 -7.70 -5.98 -13.31
CA HIS A 41 -7.02 -6.58 -14.47
C HIS A 41 -5.54 -6.34 -14.47
N GLY A 45 -1.97 -10.24 -12.82
CA GLY A 45 -2.98 -10.97 -13.58
C GLY A 45 -4.37 -10.35 -13.44
N GLU A 46 -5.38 -11.20 -13.27
CA GLU A 46 -6.77 -10.77 -13.12
C GLU A 46 -7.32 -11.27 -11.78
N VAL A 47 -8.12 -10.43 -11.11
CA VAL A 47 -8.62 -10.71 -9.76
C VAL A 47 -10.15 -10.73 -9.67
N TYR A 48 -10.69 -11.67 -8.90
CA TYR A 48 -12.13 -11.89 -8.80
C TYR A 48 -12.60 -11.83 -7.37
N GLU A 49 -13.85 -11.47 -7.14
CA GLU A 49 -14.49 -11.74 -5.85
C GLU A 49 -14.94 -13.20 -5.87
N GLY A 50 -14.88 -13.86 -4.73
CA GLY A 50 -15.26 -15.26 -4.66
C GLY A 50 -15.51 -15.74 -3.25
N GLN A 51 -15.87 -17.00 -3.10
CA GLN A 51 -16.09 -17.51 -1.77
C GLN A 51 -15.70 -18.95 -1.62
N VAL A 52 -15.35 -19.30 -0.37
CA VAL A 52 -14.78 -20.58 -0.02
C VAL A 52 -15.69 -21.27 0.97
N SER A 53 -15.90 -22.58 0.78
CA SER A 53 -16.83 -23.37 1.61
C SER A 53 -16.18 -24.20 2.73
N GLY A 54 -16.97 -24.51 3.76
CA GLY A 54 -16.51 -25.27 4.92
C GLY A 54 -16.96 -26.73 4.85
N SER A 60 -21.13 -20.89 6.95
CA SER A 60 -21.36 -19.98 5.82
C SER A 60 -20.06 -19.62 5.09
N PRO A 61 -20.13 -19.47 3.76
CA PRO A 61 -18.97 -19.17 2.91
C PRO A 61 -18.10 -18.02 3.42
N LEU A 62 -16.79 -18.20 3.30
CA LEU A 62 -15.81 -17.15 3.60
C LEU A 62 -15.59 -16.36 2.33
N GLN A 63 -15.79 -15.04 2.39
CA GLN A 63 -15.75 -14.18 1.21
C GLN A 63 -14.30 -13.83 0.92
N VAL A 64 -13.85 -14.00 -0.32
CA VAL A 64 -12.43 -13.83 -0.65
C VAL A 64 -12.18 -13.06 -1.95
N ALA A 65 -10.93 -12.62 -2.10
CA ALA A 65 -10.43 -12.17 -3.39
C ALA A 65 -9.54 -13.27 -3.93
N VAL A 66 -9.68 -13.56 -5.23
CA VAL A 66 -8.94 -14.62 -5.91
C VAL A 66 -8.08 -14.01 -7.01
N LYS A 67 -6.77 -14.10 -6.86
CA LYS A 67 -5.84 -13.67 -7.89
C LYS A 67 -5.46 -14.89 -8.68
N THR A 68 -5.56 -14.81 -9.99
CA THR A 68 -5.35 -15.97 -10.83
C THR A 68 -4.10 -15.85 -11.68
N LEU A 69 -3.61 -17.00 -12.11
CA LEU A 69 -2.46 -17.09 -12.99
C LEU A 69 -2.96 -17.48 -14.36
N PRO A 70 -2.69 -16.62 -15.37
CA PRO A 70 -3.07 -16.99 -16.74
C PRO A 70 -2.47 -18.31 -17.10
N GLU A 71 -3.25 -19.18 -17.73
CA GLU A 71 -2.74 -20.49 -18.16
C GLU A 71 -1.71 -20.34 -19.29
N VAL A 72 -1.76 -19.22 -20.00
CA VAL A 72 -0.74 -18.81 -20.95
C VAL A 72 0.23 -17.91 -20.22
N CYS A 73 1.35 -18.46 -19.79
CA CYS A 73 2.32 -17.68 -19.08
C CYS A 73 3.69 -18.32 -19.16
N SER A 74 4.72 -17.48 -19.09
CA SER A 74 6.10 -17.95 -19.06
C SER A 74 6.33 -18.80 -17.82
N GLU A 75 7.41 -19.56 -17.85
CA GLU A 75 7.81 -20.39 -16.72
C GLU A 75 8.29 -19.48 -15.59
N GLN A 76 8.72 -18.28 -15.95
CA GLN A 76 9.11 -17.27 -14.97
C GLN A 76 7.88 -16.73 -14.23
N ASP A 77 6.81 -16.48 -14.98
CA ASP A 77 5.55 -15.99 -14.40
C ASP A 77 5.01 -16.95 -13.34
N GLU A 78 4.98 -18.23 -13.67
CA GLU A 78 4.60 -19.25 -12.71
C GLU A 78 5.46 -19.18 -11.45
N LEU A 79 6.78 -19.05 -11.64
CA LEU A 79 7.70 -19.04 -10.51
C LEU A 79 7.45 -17.80 -9.63
N ASP A 80 7.21 -16.66 -10.27
CA ASP A 80 6.91 -15.43 -9.55
C ASP A 80 5.59 -15.52 -8.76
N PHE A 81 4.60 -16.13 -9.39
CA PHE A 81 3.31 -16.39 -8.76
C PHE A 81 3.47 -17.31 -7.55
N LEU A 82 4.20 -18.39 -7.72
CA LEU A 82 4.47 -19.28 -6.61
C LEU A 82 5.17 -18.50 -5.49
N MET A 83 6.22 -17.76 -5.82
CA MET A 83 7.02 -17.05 -4.82
C MET A 83 6.17 -16.01 -4.09
N GLU A 84 5.43 -15.23 -4.87
CA GLU A 84 4.49 -14.28 -4.32
C GLU A 84 3.55 -14.92 -3.27
N ALA A 85 3.01 -16.09 -3.60
CA ALA A 85 2.16 -16.85 -2.67
C ALA A 85 2.86 -17.13 -1.36
N LEU A 86 4.12 -17.54 -1.43
CA LEU A 86 4.91 -17.78 -0.24
C LEU A 86 5.11 -16.49 0.55
N ILE A 87 5.46 -15.42 -0.16
CA ILE A 87 5.81 -14.15 0.50
C ILE A 87 4.61 -13.62 1.27
N ILE A 88 3.45 -13.58 0.63
CA ILE A 88 2.22 -13.07 1.25
C ILE A 88 1.78 -13.95 2.43
N SER A 89 1.90 -15.26 2.26
CA SER A 89 1.49 -16.22 3.28
C SER A 89 2.28 -16.14 4.58
N LYS A 90 3.51 -15.61 4.54
CA LYS A 90 4.31 -15.53 5.77
C LYS A 90 4.09 -14.26 6.59
N PHE A 91 3.54 -13.23 5.96
CA PHE A 91 3.15 -12.01 6.67
C PHE A 91 2.00 -12.27 7.64
N ASN A 92 2.15 -11.79 8.86
CA ASN A 92 1.10 -11.91 9.86
C ASN A 92 0.91 -10.56 10.59
N HIS A 93 0.10 -9.71 9.98
CA HIS A 93 -0.20 -8.40 10.53
C HIS A 93 -1.53 -7.91 10.06
N GLN A 94 -2.25 -7.23 10.93
CA GLN A 94 -3.63 -6.81 10.66
C GLN A 94 -3.75 -5.75 9.57
N ASN A 95 -2.65 -5.05 9.27
CA ASN A 95 -2.62 -4.02 8.26
C ASN A 95 -1.85 -4.48 7.02
N ILE A 96 -1.79 -5.79 6.82
CA ILE A 96 -1.29 -6.39 5.58
C ILE A 96 -2.28 -7.47 5.14
N VAL A 97 -2.75 -7.35 3.91
CA VAL A 97 -3.82 -8.20 3.40
C VAL A 97 -3.47 -9.67 3.56
N ARG A 98 -4.38 -10.45 4.15
CA ARG A 98 -4.07 -11.84 4.49
C ARG A 98 -4.12 -12.73 3.28
N CYS A 99 -3.42 -13.86 3.36
CA CYS A 99 -3.54 -14.92 2.38
C CYS A 99 -4.41 -15.97 3.03
N ILE A 100 -5.54 -16.28 2.41
CA ILE A 100 -6.45 -17.28 2.94
C ILE A 100 -5.88 -18.67 2.64
N GLY A 101 -5.30 -18.81 1.45
CA GLY A 101 -4.71 -20.05 1.01
C GLY A 101 -4.49 -19.98 -0.48
N VAL A 102 -4.30 -21.14 -1.09
CA VAL A 102 -4.03 -21.21 -2.52
C VAL A 102 -4.76 -22.39 -3.12
N SER A 103 -4.92 -22.37 -4.43
CA SER A 103 -5.35 -23.53 -5.17
C SER A 103 -4.41 -23.64 -6.34
N LEU A 104 -3.31 -24.36 -6.14
CA LEU A 104 -2.24 -24.47 -7.14
C LEU A 104 -2.37 -25.70 -8.01
N GLN A 105 -3.11 -26.70 -7.54
CA GLN A 105 -3.15 -28.00 -8.20
C GLN A 105 -4.19 -28.11 -9.30
N SER A 106 -4.93 -27.04 -9.54
CA SER A 106 -5.86 -27.01 -10.65
C SER A 106 -5.54 -25.80 -11.48
N LEU A 107 -5.92 -25.83 -12.75
CA LEU A 107 -5.70 -24.73 -13.67
C LEU A 107 -7.03 -24.05 -14.00
N PRO A 108 -7.03 -22.71 -14.03
CA PRO A 108 -5.92 -21.81 -13.69
C PRO A 108 -5.64 -21.78 -12.18
N ARG A 109 -4.39 -21.50 -11.83
CA ARG A 109 -3.96 -21.48 -10.43
C ARG A 109 -4.48 -20.24 -9.71
N PHE A 110 -4.83 -20.38 -8.43
CA PHE A 110 -5.37 -19.29 -7.64
C PHE A 110 -4.54 -19.02 -6.39
N ILE A 111 -4.43 -17.74 -6.05
CA ILE A 111 -4.00 -17.30 -4.71
C ILE A 111 -5.21 -16.65 -4.08
N LEU A 112 -5.48 -17.00 -2.83
CA LEU A 112 -6.70 -16.57 -2.18
C LEU A 112 -6.32 -15.55 -1.15
N LEU A 113 -6.96 -14.38 -1.22
CA LEU A 113 -6.65 -13.28 -0.33
C LEU A 113 -7.89 -12.76 0.39
N GLU A 114 -7.65 -12.11 1.54
CA GLU A 114 -8.65 -11.28 2.22
C GLU A 114 -9.30 -10.31 1.26
N LEU A 115 -10.62 -10.46 1.04
CA LEU A 115 -11.42 -9.52 0.23
C LEU A 115 -11.45 -8.17 0.90
N MET A 116 -11.02 -7.14 0.17
CA MET A 116 -11.01 -5.75 0.64
C MET A 116 -12.07 -5.01 -0.15
N ALA A 117 -13.23 -4.81 0.49
CA ALA A 117 -14.41 -4.30 -0.19
C ALA A 117 -14.27 -2.84 -0.64
N GLY A 118 -13.44 -2.07 0.03
CA GLY A 118 -13.32 -0.65 -0.27
C GLY A 118 -12.40 -0.26 -1.40
N GLY A 119 -11.75 -1.25 -2.04
CA GLY A 119 -10.84 -0.97 -3.16
C GLY A 119 -9.52 -0.33 -2.76
N ASP A 120 -8.82 0.26 -3.74
CA ASP A 120 -7.50 0.86 -3.49
C ASP A 120 -7.66 2.26 -2.95
N LEU A 121 -6.66 2.72 -2.21
CA LEU A 121 -6.76 3.98 -1.50
C LEU A 121 -6.82 5.17 -2.45
N LYS A 122 -6.06 5.11 -3.55
CA LYS A 122 -6.02 6.25 -4.46
C LYS A 122 -7.41 6.49 -5.03
N SER A 123 -7.97 5.46 -5.63
CA SER A 123 -9.29 5.56 -6.23
C SER A 123 -10.31 6.03 -5.21
N PHE A 124 -10.25 5.47 -4.01
CA PHE A 124 -11.16 5.87 -2.94
C PHE A 124 -11.05 7.35 -2.65
N LEU A 125 -9.83 7.85 -2.58
CA LEU A 125 -9.62 9.25 -2.21
C LEU A 125 -10.25 10.11 -3.28
N ARG A 126 -10.00 9.78 -4.54
CA ARG A 126 -10.48 10.55 -5.69
C ARG A 126 -12.00 10.65 -5.78
N GLU A 127 -12.69 9.59 -5.36
CA GLU A 127 -14.14 9.54 -5.41
C GLU A 127 -14.80 10.05 -4.15
N THR A 128 -14.01 10.33 -3.12
CA THR A 128 -14.59 10.78 -1.86
C THR A 128 -14.12 12.16 -1.47
N ARG A 129 -13.39 12.83 -2.37
CA ARG A 129 -13.07 14.25 -2.23
C ARG A 129 -14.36 15.00 -1.93
N PRO A 130 -14.42 15.72 -0.80
CA PRO A 130 -15.53 16.61 -0.56
C PRO A 130 -15.95 17.43 -1.79
N ARG A 131 -17.26 17.49 -2.01
CA ARG A 131 -17.87 18.25 -3.10
C ARG A 131 -19.13 18.94 -2.53
N PRO A 132 -19.78 19.81 -3.33
CA PRO A 132 -21.05 20.41 -2.89
C PRO A 132 -22.12 19.39 -2.44
N SER A 133 -22.23 18.25 -3.13
CA SER A 133 -23.19 17.19 -2.74
C SER A 133 -22.84 16.49 -1.42
N GLN A 134 -21.55 16.26 -1.17
CA GLN A 134 -21.08 15.68 0.11
C GLN A 134 -19.92 16.49 0.70
N PRO A 135 -20.21 17.71 1.21
CA PRO A 135 -19.15 18.63 1.70
C PRO A 135 -18.31 18.13 2.87
N SER A 136 -18.86 17.24 3.69
CA SER A 136 -18.13 16.66 4.83
C SER A 136 -18.14 15.13 4.75
N SER A 137 -17.75 14.62 3.59
CA SER A 137 -17.60 13.18 3.37
C SER A 137 -16.31 12.61 4.00
N LEU A 138 -15.27 13.43 4.05
CA LEU A 138 -14.01 13.06 4.67
C LEU A 138 -13.54 14.18 5.58
N ALA A 139 -13.05 13.81 6.76
CA ALA A 139 -12.37 14.73 7.68
C ALA A 139 -10.90 14.33 7.81
N MET A 140 -10.11 15.24 8.36
CA MET A 140 -8.71 14.98 8.63
C MET A 140 -8.43 13.70 9.40
N LEU A 141 -9.30 13.37 10.35
CA LEU A 141 -9.09 12.20 11.21
C LEU A 141 -9.16 10.92 10.37
N ASP A 142 -10.02 10.91 9.35
CA ASP A 142 -10.07 9.78 8.43
C ASP A 142 -8.72 9.54 7.80
N LEU A 143 -8.08 10.65 7.39
CA LEU A 143 -6.78 10.63 6.71
C LEU A 143 -5.66 10.25 7.67
N LEU A 144 -5.73 10.74 8.89
CA LEU A 144 -4.75 10.37 9.89
C LEU A 144 -4.89 8.90 10.27
N HIS A 145 -6.10 8.36 10.26
CA HIS A 145 -6.27 6.95 10.59
C HIS A 145 -5.76 6.02 9.51
N VAL A 146 -5.94 6.42 8.24
CA VAL A 146 -5.38 5.69 7.11
C VAL A 146 -3.85 5.73 7.19
N ALA A 147 -3.30 6.93 7.33
CA ALA A 147 -1.88 7.11 7.56
C ALA A 147 -1.38 6.18 8.63
N ARG A 148 -2.11 6.14 9.74
CA ARG A 148 -1.68 5.36 10.88
C ARG A 148 -1.66 3.89 10.53
N ASP A 149 -2.73 3.43 9.87
CA ASP A 149 -2.88 2.02 9.52
C ASP A 149 -1.73 1.56 8.67
N ILE A 150 -1.36 2.35 7.67
CA ILE A 150 -0.29 1.99 6.76
C ILE A 150 1.08 2.04 7.45
N ALA A 151 1.33 3.05 8.26
CA ALA A 151 2.57 3.14 9.04
C ALA A 151 2.75 1.92 9.93
N CYS A 152 1.65 1.45 10.53
CA CYS A 152 1.68 0.30 11.40
C CYS A 152 2.11 -0.93 10.64
N GLY A 153 1.60 -1.08 9.41
CA GLY A 153 2.02 -2.15 8.52
C GLY A 153 3.48 -1.99 8.10
N CYS A 154 3.83 -0.80 7.66
CA CYS A 154 5.23 -0.49 7.39
C CYS A 154 6.12 -0.85 8.56
N GLN A 155 5.67 -0.57 9.79
CA GLN A 155 6.47 -0.88 10.99
C GLN A 155 6.68 -2.39 11.15
N TYR A 156 5.69 -3.18 10.73
CA TYR A 156 5.79 -4.63 10.74
C TYR A 156 6.89 -5.03 9.79
N LEU A 157 6.85 -4.49 8.58
CA LEU A 157 7.83 -4.83 7.56
C LEU A 157 9.28 -4.45 7.95
N GLU A 158 9.44 -3.29 8.59
CA GLU A 158 10.76 -2.84 9.08
C GLU A 158 11.28 -3.75 10.19
N GLU A 159 10.45 -3.96 11.22
CA GLU A 159 10.74 -4.94 12.27
C GLU A 159 11.25 -6.25 11.69
N ASN A 160 10.57 -6.76 10.66
CA ASN A 160 10.93 -8.05 10.07
C ASN A 160 11.82 -7.94 8.83
N HIS A 161 12.43 -6.77 8.63
CA HIS A 161 13.49 -6.60 7.65
C HIS A 161 13.10 -6.86 6.24
N PHE A 162 11.89 -6.46 5.88
CA PHE A 162 11.39 -6.64 4.51
C PHE A 162 11.17 -5.25 3.94
N ILE A 163 11.69 -5.04 2.74
CA ILE A 163 11.61 -3.76 2.10
C ILE A 163 10.64 -3.85 0.93
N HIS A 164 9.59 -3.05 1.00
CA HIS A 164 8.47 -3.10 0.07
C HIS A 164 8.84 -2.56 -1.27
N ARG A 165 9.45 -1.37 -1.28
CA ARG A 165 9.93 -0.68 -2.49
C ARG A 165 8.85 0.06 -3.32
N ASP A 166 7.57 -0.13 -3.01
CA ASP A 166 6.53 0.61 -3.71
C ASP A 166 5.37 1.01 -2.80
N ILE A 167 5.70 1.57 -1.64
CA ILE A 167 4.69 2.10 -0.73
C ILE A 167 4.05 3.33 -1.38
N ALA A 168 2.88 3.11 -1.99
CA ALA A 168 2.13 4.15 -2.67
C ALA A 168 0.63 3.94 -2.44
N ALA A 169 -0.15 4.99 -2.58
CA ALA A 169 -1.63 4.91 -2.45
C ALA A 169 -2.26 3.80 -3.30
N ARG A 170 -1.80 3.63 -4.54
CA ARG A 170 -2.37 2.62 -5.43
C ARG A 170 -2.16 1.19 -4.91
N ASN A 171 -1.17 0.99 -4.04
CA ASN A 171 -0.88 -0.35 -3.48
C ASN A 171 -1.46 -0.62 -2.07
N CYS A 172 -2.28 0.30 -1.56
CA CYS A 172 -2.96 0.14 -0.27
C CYS A 172 -4.42 -0.14 -0.52
N LEU A 173 -5.02 -1.06 0.24
CA LEU A 173 -6.45 -1.38 0.09
C LEU A 173 -7.25 -1.05 1.33
N LEU A 174 -8.56 -0.95 1.16
CA LEU A 174 -9.50 -0.61 2.22
C LEU A 174 -10.55 -1.71 2.43
N THR A 175 -10.76 -2.06 3.70
CA THR A 175 -11.71 -3.11 4.08
C THR A 175 -13.11 -2.78 3.58
N CYS A 176 -13.52 -1.53 3.80
CA CYS A 176 -14.82 -1.06 3.37
C CYS A 176 -14.72 0.43 3.03
N PRO A 177 -15.71 0.98 2.32
CA PRO A 177 -15.73 2.42 2.02
C PRO A 177 -16.22 3.30 3.17
N GLY A 178 -17.26 2.86 3.87
CA GLY A 178 -17.84 3.62 4.97
C GLY A 178 -16.89 3.73 6.14
N PRO A 179 -17.31 4.44 7.21
CA PRO A 179 -16.43 4.60 8.36
C PRO A 179 -16.15 3.24 8.98
N GLY A 180 -15.18 3.20 9.88
CA GLY A 180 -14.68 1.93 10.37
C GLY A 180 -13.75 1.23 9.37
N ARG A 181 -13.51 1.87 8.22
CA ARG A 181 -12.59 1.35 7.23
C ARG A 181 -11.23 1.15 7.86
N VAL A 182 -10.52 0.14 7.41
CA VAL A 182 -9.13 -0.09 7.81
C VAL A 182 -8.31 -0.23 6.53
N ALA A 183 -7.18 0.47 6.46
CA ALA A 183 -6.31 0.41 5.27
C ALA A 183 -5.14 -0.54 5.55
N LYS A 184 -4.66 -1.17 4.48
CA LYS A 184 -3.68 -2.21 4.59
C LYS A 184 -2.83 -2.20 3.34
N ILE A 185 -1.55 -2.55 3.48
CA ILE A 185 -0.69 -2.78 2.33
C ILE A 185 -1.23 -4.04 1.66
N GLY A 186 -1.62 -3.92 0.40
CA GLY A 186 -2.23 -5.03 -0.28
C GLY A 186 -1.74 -5.28 -1.68
N ASP A 187 -0.65 -4.65 -2.10
CA ASP A 187 -0.05 -4.95 -3.39
C ASP A 187 1.46 -4.68 -3.41
N PHE A 188 2.16 -5.41 -4.29
CA PHE A 188 3.60 -5.26 -4.44
C PHE A 188 3.95 -4.10 -5.37
N GLY A 189 3.17 -3.92 -6.44
CA GLY A 189 3.36 -2.79 -7.35
C GLY A 189 4.58 -2.96 -8.22
N CYS A 205 13.28 1.15 -16.55
CA CYS A 205 13.28 2.50 -15.98
C CYS A 205 11.94 3.21 -16.09
N ALA A 206 11.18 2.93 -17.15
CA ALA A 206 9.87 3.58 -17.36
C ALA A 206 8.75 3.04 -16.46
N MET A 207 8.97 1.86 -15.86
CA MET A 207 8.02 1.25 -14.95
C MET A 207 8.39 1.52 -13.50
N LEU A 208 9.67 1.78 -13.24
CA LEU A 208 10.12 2.17 -11.90
C LEU A 208 9.27 3.32 -11.32
N PRO A 209 8.82 3.19 -10.05
CA PRO A 209 8.04 4.23 -9.37
C PRO A 209 8.92 5.36 -8.82
N VAL A 210 9.46 6.13 -9.76
CA VAL A 210 10.46 7.16 -9.51
C VAL A 210 10.01 8.19 -8.51
N LYS A 211 8.74 8.53 -8.54
CA LYS A 211 8.21 9.59 -7.70
C LYS A 211 8.08 9.15 -6.24
N TRP A 212 8.19 7.85 -5.98
CA TRP A 212 8.13 7.32 -4.63
C TRP A 212 9.49 6.95 -4.07
N MET A 213 10.55 7.21 -4.81
CA MET A 213 11.89 6.70 -4.45
C MET A 213 12.85 7.76 -3.97
N PRO A 214 13.69 7.40 -2.98
CA PRO A 214 14.66 8.35 -2.49
C PRO A 214 15.88 8.47 -3.43
N PRO A 215 16.66 9.54 -3.29
CA PRO A 215 17.88 9.74 -4.09
C PRO A 215 18.78 8.50 -4.18
N GLU A 216 19.10 7.90 -3.05
CA GLU A 216 20.08 6.82 -3.01
C GLU A 216 19.63 5.55 -3.74
N ALA A 217 18.41 5.56 -4.27
CA ALA A 217 17.83 4.39 -4.94
C ALA A 217 18.05 4.41 -6.45
N PHE A 218 18.22 5.58 -7.05
CA PHE A 218 18.66 5.70 -8.44
C PHE A 218 20.17 5.70 -8.46
N MET A 219 20.74 6.54 -7.61
CA MET A 219 22.17 6.70 -7.50
C MET A 219 22.87 5.33 -7.40
N GLU A 220 22.90 4.76 -6.20
CA GLU A 220 23.63 3.52 -5.95
C GLU A 220 22.75 2.26 -6.16
N GLY A 221 21.44 2.43 -6.28
CA GLY A 221 20.54 1.28 -6.43
C GLY A 221 20.34 0.52 -5.14
N ILE A 222 20.74 1.13 -4.03
CA ILE A 222 20.71 0.47 -2.73
C ILE A 222 19.40 0.70 -2.02
N PHE A 223 18.96 -0.30 -1.25
CA PHE A 223 17.70 -0.25 -0.53
C PHE A 223 17.88 -0.65 0.94
N THR A 224 17.24 0.13 1.80
CA THR A 224 17.17 -0.14 3.23
C THR A 224 15.74 0.15 3.63
N SER A 225 15.42 0.05 4.92
CA SER A 225 14.08 0.43 5.39
C SER A 225 13.83 1.93 5.26
N LYS A 226 14.89 2.72 5.25
CA LYS A 226 14.75 4.16 5.07
C LYS A 226 14.31 4.48 3.66
N THR A 227 14.37 3.49 2.77
CA THR A 227 13.69 3.57 1.47
C THR A 227 12.18 3.73 1.64
N ASP A 228 11.57 2.84 2.42
CA ASP A 228 10.14 2.86 2.63
C ASP A 228 9.73 4.11 3.43
N THR A 229 10.54 4.53 4.40
CA THR A 229 10.27 5.80 5.09
C THR A 229 10.06 6.93 4.08
N TRP A 230 10.87 6.96 3.02
CA TRP A 230 10.72 7.98 1.96
C TRP A 230 9.44 7.82 1.23
N SER A 231 9.16 6.61 0.77
CA SER A 231 7.94 6.40 -0.02
C SER A 231 6.71 6.69 0.83
N PHE A 232 6.79 6.37 2.13
CA PHE A 232 5.70 6.70 3.04
C PHE A 232 5.39 8.20 3.06
N GLY A 233 6.43 9.02 3.15
CA GLY A 233 6.26 10.46 3.01
C GLY A 233 5.49 10.82 1.76
N VAL A 234 5.79 10.17 0.66
CA VAL A 234 5.08 10.44 -0.59
C VAL A 234 3.63 9.96 -0.49
N LEU A 235 3.43 8.77 0.09
CA LEU A 235 2.10 8.28 0.42
C LEU A 235 1.33 9.31 1.23
N LEU A 236 1.98 9.88 2.25
CA LEU A 236 1.35 10.93 3.07
C LEU A 236 0.81 12.05 2.19
N TRP A 237 1.65 12.53 1.30
CA TRP A 237 1.28 13.57 0.37
C TRP A 237 0.07 13.20 -0.42
N GLU A 238 0.09 11.99 -0.97
CA GLU A 238 -1.06 11.48 -1.73
C GLU A 238 -2.33 11.49 -0.87
N ILE A 239 -2.25 10.98 0.37
CA ILE A 239 -3.40 10.94 1.28
C ILE A 239 -3.97 12.35 1.52
N PHE A 240 -3.11 13.29 1.90
CA PHE A 240 -3.55 14.63 2.22
C PHE A 240 -3.87 15.52 0.99
N SER A 241 -3.47 15.09 -0.19
CA SER A 241 -3.89 15.77 -1.42
C SER A 241 -5.22 15.20 -1.91
N LEU A 242 -5.68 14.12 -1.28
CA LEU A 242 -6.88 13.42 -1.71
C LEU A 242 -6.73 12.83 -3.12
N GLY A 243 -5.58 12.19 -3.37
CA GLY A 243 -5.43 11.28 -4.49
C GLY A 243 -4.74 11.82 -5.71
N TYR A 244 -4.05 12.96 -5.58
CA TYR A 244 -3.35 13.56 -6.72
C TYR A 244 -2.08 12.79 -6.99
N MET A 245 -1.63 12.85 -8.24
CA MET A 245 -0.34 12.30 -8.61
C MET A 245 0.75 13.16 -7.96
N PRO A 246 1.77 12.52 -7.37
CA PRO A 246 2.86 13.32 -6.79
C PRO A 246 3.62 14.12 -7.84
N TYR A 247 4.23 15.23 -7.41
CA TYR A 247 4.93 16.17 -8.31
C TYR A 247 4.11 16.46 -9.55
N PRO A 248 2.95 17.11 -9.39
CA PRO A 248 1.94 17.25 -10.44
C PRO A 248 2.50 17.45 -11.85
N SER A 249 3.18 18.55 -12.10
CA SER A 249 3.50 18.90 -13.50
C SER A 249 4.89 18.42 -13.93
N LYS A 250 5.23 17.18 -13.60
CA LYS A 250 6.61 16.69 -13.70
C LYS A 250 6.73 15.22 -14.11
N SER A 251 7.56 14.95 -15.10
CA SER A 251 7.85 13.59 -15.54
C SER A 251 8.84 12.92 -14.60
N ASN A 252 8.99 11.62 -14.79
CA ASN A 252 9.93 10.86 -13.99
C ASN A 252 11.33 11.46 -13.93
N GLN A 253 11.93 11.74 -15.08
CA GLN A 253 13.32 12.25 -15.11
C GLN A 253 13.37 13.65 -14.50
N GLU A 254 12.33 14.45 -14.75
CA GLU A 254 12.25 15.77 -14.12
C GLU A 254 12.24 15.67 -12.60
N VAL A 255 11.46 14.71 -12.06
CA VAL A 255 11.38 14.53 -10.61
C VAL A 255 12.70 14.03 -10.09
N LEU A 256 13.34 13.16 -10.86
CA LEU A 256 14.65 12.63 -10.48
C LEU A 256 15.65 13.76 -10.25
N GLU A 257 15.77 14.64 -11.24
CA GLU A 257 16.72 15.74 -11.17
C GLU A 257 16.34 16.75 -10.07
N PHE A 258 15.04 17.01 -9.96
CA PHE A 258 14.48 17.88 -8.94
C PHE A 258 14.80 17.34 -7.52
N VAL A 259 14.45 16.08 -7.28
CA VAL A 259 14.66 15.45 -5.98
C VAL A 259 16.14 15.34 -5.66
N THR A 260 16.91 14.93 -6.66
CA THR A 260 18.35 14.76 -6.50
C THR A 260 19.05 16.05 -6.11
N SER A 261 18.54 17.19 -6.57
CA SER A 261 19.14 18.48 -6.20
C SER A 261 18.51 19.08 -4.93
N GLY A 262 17.79 18.27 -4.15
CA GLY A 262 17.22 18.70 -2.87
C GLY A 262 15.85 19.36 -2.92
N GLY A 263 15.16 19.26 -4.05
CA GLY A 263 13.81 19.84 -4.18
C GLY A 263 12.72 18.93 -3.64
N ARG A 264 11.63 19.52 -3.15
CA ARG A 264 10.55 18.76 -2.49
C ARG A 264 9.17 19.33 -2.84
N MET A 265 8.14 18.50 -2.74
CA MET A 265 6.78 18.94 -3.02
C MET A 265 6.33 19.91 -1.96
N ASP A 266 5.46 20.82 -2.36
CA ASP A 266 4.82 21.73 -1.42
C ASP A 266 3.76 21.00 -0.59
N PRO A 267 3.22 21.66 0.43
CA PRO A 267 2.13 21.02 1.16
C PRO A 267 0.90 20.94 0.30
N PRO A 268 0.17 19.80 0.34
CA PRO A 268 -1.11 19.71 -0.35
C PRO A 268 -2.07 20.77 0.16
N LYS A 269 -3.12 21.07 -0.62
CA LYS A 269 -4.08 22.12 -0.26
C LYS A 269 -4.62 21.90 1.16
N ASN A 270 -4.55 22.94 1.99
CA ASN A 270 -5.05 22.94 3.39
C ASN A 270 -4.28 22.06 4.36
N CYS A 271 -3.13 21.55 3.94
CA CYS A 271 -2.41 20.61 4.79
C CYS A 271 -1.84 21.24 6.06
N PRO A 272 -2.18 20.72 7.25
CA PRO A 272 -1.62 21.27 8.48
C PRO A 272 -0.11 21.09 8.57
N GLY A 273 0.56 22.07 9.17
CA GLY A 273 2.00 22.05 9.35
C GLY A 273 2.50 20.75 9.94
N PRO A 274 1.98 20.35 11.10
CA PRO A 274 2.46 19.14 11.77
C PRO A 274 2.50 17.91 10.87
N VAL A 275 1.52 17.79 9.98
CA VAL A 275 1.45 16.70 9.01
C VAL A 275 2.47 16.87 7.89
N TYR A 276 2.58 18.08 7.35
CA TYR A 276 3.61 18.38 6.34
C TYR A 276 5.00 18.13 6.90
N ARG A 277 5.22 18.55 8.15
CA ARG A 277 6.53 18.31 8.76
C ARG A 277 6.88 16.83 8.82
N ILE A 278 5.89 15.96 8.95
CA ILE A 278 6.18 14.52 8.90
C ILE A 278 6.68 14.15 7.50
N MET A 279 6.08 14.73 6.46
CA MET A 279 6.50 14.47 5.08
C MET A 279 7.93 14.94 4.84
N THR A 280 8.26 16.17 5.26
CA THR A 280 9.59 16.70 4.99
C THR A 280 10.64 15.92 5.77
N GLN A 281 10.30 15.41 6.95
CA GLN A 281 11.24 14.55 7.69
C GLN A 281 11.44 13.22 7.02
N CYS A 282 10.42 12.71 6.32
CA CYS A 282 10.52 11.45 5.56
C CYS A 282 11.41 11.65 4.31
N TRP A 283 11.46 12.88 3.83
CA TRP A 283 12.26 13.22 2.65
C TRP A 283 13.61 13.85 2.97
N GLN A 284 14.19 13.60 4.14
CA GLN A 284 15.57 14.05 4.38
C GLN A 284 16.45 13.36 3.37
N HIS A 285 17.37 14.11 2.76
CA HIS A 285 18.35 13.54 1.82
C HIS A 285 19.16 12.42 2.43
N GLN A 286 19.61 12.60 3.68
CA GLN A 286 20.36 11.56 4.37
C GLN A 286 19.48 10.46 5.00
N PRO A 287 19.62 9.23 4.52
CA PRO A 287 18.84 8.13 5.08
C PRO A 287 18.81 8.11 6.60
N GLU A 288 19.95 8.36 7.22
CA GLU A 288 20.10 8.29 8.67
C GLU A 288 19.29 9.39 9.36
N ASP A 289 18.99 10.48 8.63
CA ASP A 289 18.20 11.59 9.17
C ASP A 289 16.69 11.38 9.07
N ARG A 290 16.27 10.32 8.38
CA ARG A 290 14.86 9.95 8.28
C ARG A 290 14.46 9.11 9.48
N PRO A 291 13.23 9.29 9.99
CA PRO A 291 12.72 8.49 11.08
C PRO A 291 12.35 7.07 10.69
N ASN A 292 12.52 6.15 11.64
CA ASN A 292 11.90 4.85 11.54
C ASN A 292 10.37 4.97 11.76
N PHE A 293 9.65 3.87 11.61
CA PHE A 293 8.19 3.94 11.68
C PHE A 293 7.64 4.11 13.09
N ALA A 294 8.40 3.73 14.10
CA ALA A 294 8.01 3.98 15.48
C ALA A 294 7.84 5.48 15.70
N ILE A 295 8.80 6.26 15.20
CA ILE A 295 8.78 7.70 15.30
C ILE A 295 7.70 8.31 14.39
N ILE A 296 7.49 7.70 13.22
CA ILE A 296 6.45 8.19 12.32
C ILE A 296 5.10 8.04 13.02
N LEU A 297 4.81 6.83 13.51
CA LEU A 297 3.61 6.56 14.30
C LEU A 297 3.41 7.52 15.46
N GLU A 298 4.46 7.74 16.25
CA GLU A 298 4.40 8.69 17.36
C GLU A 298 3.93 10.06 16.90
N ARG A 299 4.44 10.50 15.75
CA ARG A 299 4.11 11.82 15.22
C ARG A 299 2.74 11.87 14.51
N ILE A 300 2.28 10.73 13.98
CA ILE A 300 0.92 10.68 13.44
C ILE A 300 -0.10 10.71 14.60
N GLU A 301 0.26 10.17 15.77
CA GLU A 301 -0.64 10.21 16.93
C GLU A 301 -0.74 11.61 17.50
N TYR A 302 0.40 12.26 17.70
CA TYR A 302 0.42 13.64 18.17
C TYR A 302 -0.48 14.52 17.29
N CYS A 303 -0.33 14.40 15.98
CA CYS A 303 -1.21 15.07 15.03
C CYS A 303 -2.68 14.76 15.31
N THR A 304 -2.95 13.49 15.56
CA THR A 304 -4.32 13.00 15.80
C THR A 304 -4.90 13.56 17.11
N GLN A 305 -4.03 13.97 18.02
CA GLN A 305 -4.44 14.63 19.26
C GLN A 305 -4.60 16.14 19.17
N ASP A 306 -3.93 16.79 18.22
CA ASP A 306 -3.94 18.25 18.12
C ASP A 306 -5.26 18.77 17.51
N PRO A 307 -6.05 19.57 18.26
CA PRO A 307 -7.34 20.05 17.69
C PRO A 307 -7.21 20.99 16.48
N ASP A 308 -6.13 21.75 16.40
CA ASP A 308 -5.90 22.61 15.24
C ASP A 308 -5.68 21.77 13.99
N VAL A 309 -5.00 20.64 14.13
CA VAL A 309 -4.88 19.72 13.02
C VAL A 309 -6.23 19.11 12.66
N ILE A 310 -6.83 18.39 13.60
CA ILE A 310 -8.03 17.63 13.26
C ILE A 310 -9.27 18.48 12.96
N ASN A 311 -9.29 19.75 13.39
CA ASN A 311 -10.42 20.65 13.06
C ASN A 311 -10.28 21.38 11.73
N THR A 312 -9.14 21.22 11.06
CA THR A 312 -8.95 21.82 9.75
C THR A 312 -9.86 21.20 8.69
N ALA A 313 -10.49 22.05 7.89
CA ALA A 313 -11.40 21.60 6.85
C ALA A 313 -10.62 21.20 5.61
N LEU A 314 -11.01 20.06 5.03
CA LEU A 314 -10.49 19.62 3.77
C LEU A 314 -11.09 20.50 2.67
N PRO A 315 -10.32 20.79 1.62
CA PRO A 315 -10.86 21.60 0.53
C PRO A 315 -12.00 20.88 -0.19
N ILE A 316 -12.99 21.64 -0.62
CA ILE A 316 -14.06 21.12 -1.46
C ILE A 316 -13.66 21.28 -2.92
N GLU A 317 -13.72 20.18 -3.67
CA GLU A 317 -13.47 20.22 -5.10
C GLU A 317 -14.77 20.66 -5.74
N TYR A 318 -14.69 21.56 -6.71
CA TYR A 318 -15.88 22.14 -7.29
C TYR A 318 -16.32 21.31 -8.49
N GLY A 319 -17.53 20.76 -8.40
CA GLY A 319 -18.10 19.91 -9.47
C GLY A 319 -18.99 20.66 -10.43
C17 NZF B . -7.97 -2.43 -7.05
O1 NZF B . -9.16 -3.11 -7.56
C15 NZF B . -10.07 -3.48 -6.59
C16 NZF B . -9.68 -4.35 -5.56
C14 NZF B . -11.41 -3.01 -6.63
O2 NZF B . -11.84 -2.15 -7.61
C18 NZF B . -12.70 -2.79 -8.57
C13 NZF B . -12.29 -3.39 -5.64
O3 NZF B . -13.58 -2.97 -5.62
C19 NZF B . -14.07 -2.90 -4.28
C12 NZF B . -11.87 -4.27 -4.63
C11 NZF B . -10.59 -4.76 -4.58
N4 NZF B . -10.32 -5.57 -3.55
C10 NZF B . -9.29 -6.42 -3.43
N3 NZF B . -8.34 -6.55 -4.38
N2 NZF B . -9.22 -7.16 -2.31
C9 NZF B . -8.23 -8.03 -2.10
C8 NZF B . -7.24 -8.18 -3.06
C7 NZF B . -7.32 -7.41 -4.21
N1 NZF B . -6.35 -7.51 -5.22
C3 NZF B . -5.17 -8.37 -5.08
C2 NZF B . -6.45 -6.62 -6.42
C1 NZF B . -5.22 -5.72 -6.39
C5 NZF B . -3.95 -6.57 -6.31
C4 NZF B . -3.94 -7.46 -5.04
C6 NZF B . -2.65 -8.29 -4.94
O4 NZF B . -2.26 -9.07 -5.81
N5 NZF B . -1.99 -8.10 -3.81
C20 NZF B . -0.74 -8.82 -3.56
C21 NZF B . -0.40 -8.76 -2.08
C27 NZF B . 0.85 -8.33 -1.64
C22 NZF B . -1.37 -9.15 -1.16
C23 NZF B . -1.09 -9.11 0.19
C24 NZF B . 0.14 -8.69 0.65
C25 NZF B . 1.11 -8.28 -0.26
O5 NZF B . 2.32 -7.89 0.19
C26 NZF B . 2.48 -6.54 0.50
F2 NZF B . 1.72 -6.22 1.54
F3 NZF B . 3.76 -6.45 0.84
F1 NZF B . 2.21 -5.75 -0.58
#